data_4N4K
#
_entry.id   4N4K
#
_cell.length_a   130.070
_cell.length_b   130.070
_cell.length_c   130.070
_cell.angle_alpha   90.00
_cell.angle_beta   90.00
_cell.angle_gamma   90.00
#
_symmetry.space_group_name_H-M   'P 21 3'
#
loop_
_entity.id
_entity.type
_entity.pdbx_description
1 polymer 'hydroxylamine oxidoreductase'
2 non-polymer 'PHOSPHATE ION'
3 non-polymer 1,2-ETHANEDIOL
4 non-polymer 'HEME C'
5 non-polymer HYDROXYAMINE
6 water water
#
_entity_poly.entity_id   1
_entity_poly.type   'polypeptide(L)'
_entity_poly.pdbx_seq_one_letter_code
;EGPTFQDVASQVFGQPVGPDNDGTLYIFGLTAKYTEPEYVDGRGPYKSFLKMLPSIRWYDPEHYWTNGSQTEGVFKNEEC
VLCHTVQTPTIVNDWKQSSHGSKDIRRGIGIKKDGKPVEDLVGCADCHGNNHQKLEMPTYKLCNDCHPKETAEHRAGGLG
SHTHAYTVNVLEFSWHVGKPAEEVTGCAHCHAIAENRCSGCHTRHKFDPAEARKPTACRVCHMGIDHDEWAMYNTSIHGA
LYEAESARMDWGKKLKKGNYRVPTCAYCHMQNGDHNPQRFGTIYSDMGMFQVDRGAPKHKAKRDSWIKLCQDCHSPRFAA
DKLKEMDAGVNLSFTKWREAAAVIVGCYLDGVVDPMPEGSAPDWYGHYTFSLLPGGDPRFYATSNLERLGLEMICYLTGN
VYKAYAHMSMYNQTYGNGSAFEQDRKLVEIKTEAAKLRRFAAIEKKIGLEHKSADFWKHGEYLDLLPGWKRKPGDVDVEW
FKRTDIPHRANADAGVEIHH
;
_entity_poly.pdbx_strand_id   A
#
loop_
_chem_comp.id
_chem_comp.type
_chem_comp.name
_chem_comp.formula
EDO non-polymer 1,2-ETHANEDIOL 'C2 H6 O2'
HEC non-polymer 'HEME C' 'C34 H34 Fe N4 O4'
HOA non-polymer HYDROXYAMINE 'H3 N O'
PO4 non-polymer 'PHOSPHATE ION' 'O4 P -3'
#
# COMPACT_ATOMS: atom_id res chain seq x y z
N GLY A 2 24.29 28.96 -16.22
CA GLY A 2 23.39 28.90 -17.41
C GLY A 2 21.95 29.25 -17.05
N PRO A 3 21.12 29.53 -18.07
CA PRO A 3 19.69 29.75 -17.82
C PRO A 3 18.95 28.41 -17.72
N THR A 4 17.73 28.45 -17.22
CA THR A 4 16.97 27.22 -16.97
C THR A 4 16.44 26.59 -18.25
N PHE A 5 16.12 25.29 -18.17
CA PHE A 5 15.44 24.58 -19.25
C PHE A 5 14.16 25.33 -19.67
N GLN A 6 13.47 25.88 -18.67
CA GLN A 6 12.27 26.68 -18.91
C GLN A 6 12.58 27.92 -19.76
N ASP A 7 13.69 28.59 -19.46
CA ASP A 7 14.08 29.82 -20.17
C ASP A 7 14.37 29.55 -21.65
N VAL A 8 15.07 28.45 -21.92
CA VAL A 8 15.40 28.06 -23.28
C VAL A 8 14.12 27.72 -24.06
N ALA A 9 13.33 26.81 -23.50
CA ALA A 9 12.07 26.38 -24.11
C ALA A 9 11.14 27.56 -24.36
N SER A 10 11.12 28.52 -23.44
CA SER A 10 10.31 29.72 -23.57
C SER A 10 10.66 30.53 -24.82
N GLN A 11 11.95 30.60 -25.12
CA GLN A 11 12.44 31.39 -26.25
C GLN A 11 12.28 30.63 -27.56
N VAL A 12 12.07 29.31 -27.47
CA VAL A 12 11.87 28.47 -28.65
C VAL A 12 10.39 28.34 -29.03
N PHE A 13 9.52 28.18 -28.04
CA PHE A 13 8.08 28.03 -28.28
C PHE A 13 7.31 29.36 -28.23
N GLY A 14 7.93 30.39 -27.68
CA GLY A 14 7.30 31.71 -27.63
C GLY A 14 6.24 31.83 -26.54
N GLN A 15 6.34 30.95 -25.54
CA GLN A 15 5.48 31.03 -24.36
C GLN A 15 6.35 31.48 -23.19
N PRO A 16 5.89 32.47 -22.42
CA PRO A 16 6.72 32.95 -21.31
C PRO A 16 6.88 31.92 -20.19
N VAL A 17 8.02 31.99 -19.51
CA VAL A 17 8.26 31.21 -18.30
C VAL A 17 7.31 31.72 -17.22
N GLY A 18 6.76 30.80 -16.44
CA GLY A 18 5.87 31.16 -15.35
C GLY A 18 5.71 30.05 -14.34
N PRO A 19 5.11 30.37 -13.18
CA PRO A 19 4.83 29.33 -12.19
C PRO A 19 3.79 28.32 -12.69
N ASP A 20 3.96 27.06 -12.30
CA ASP A 20 3.03 26.00 -12.71
C ASP A 20 1.61 26.20 -12.22
N ASN A 21 1.45 26.97 -11.14
CA ASN A 21 0.16 27.07 -10.46
C ASN A 21 -0.70 28.30 -10.80
N ASP A 22 -0.35 29.04 -11.85
CA ASP A 22 -1.08 30.28 -12.18
C ASP A 22 -2.26 30.10 -13.16
N GLY A 23 -2.44 28.89 -13.68
CA GLY A 23 -3.59 28.58 -14.54
C GLY A 23 -3.28 28.56 -16.02
N THR A 24 -2.09 29.03 -16.37
CA THR A 24 -1.61 29.00 -17.76
C THR A 24 -1.52 27.58 -18.29
N LEU A 25 -1.93 27.41 -19.54
CA LEU A 25 -1.84 26.14 -20.24
C LEU A 25 -0.47 26.05 -20.90
N TYR A 26 0.47 25.43 -20.20
CA TYR A 26 1.86 25.33 -20.68
C TYR A 26 2.02 24.25 -21.75
N ILE A 27 2.57 24.66 -22.90
CA ILE A 27 2.82 23.74 -24.02
C ILE A 27 3.84 22.67 -23.62
N PHE A 28 3.34 21.45 -23.45
CA PHE A 28 4.13 20.29 -22.97
C PHE A 28 4.81 20.53 -21.62
N GLY A 29 4.22 21.43 -20.83
CA GLY A 29 4.77 21.81 -19.53
C GLY A 29 6.24 22.24 -19.56
N LEU A 30 6.68 22.75 -20.71
CA LEU A 30 8.11 23.03 -20.93
C LEU A 30 8.59 24.29 -20.21
N THR A 31 7.76 25.33 -20.17
CA THR A 31 8.18 26.61 -19.59
C THR A 31 7.62 26.88 -18.19
N ALA A 32 6.97 25.88 -17.59
CA ALA A 32 6.39 26.04 -16.25
C ALA A 32 7.46 25.75 -15.18
N LYS A 33 7.44 26.55 -14.12
CA LYS A 33 8.37 26.34 -13.00
C LYS A 33 7.64 25.67 -11.86
N TYR A 34 8.29 24.69 -11.24
CA TYR A 34 7.71 24.00 -10.09
C TYR A 34 7.58 24.94 -8.90
N THR A 35 6.38 24.98 -8.32
CA THR A 35 6.15 25.65 -7.05
C THR A 35 5.86 24.60 -5.98
N GLU A 36 6.22 24.92 -4.74
CA GLU A 36 5.99 24.00 -3.63
C GLU A 36 4.57 24.18 -3.12
N PRO A 37 3.76 23.12 -3.14
CA PRO A 37 2.43 23.22 -2.56
C PRO A 37 2.45 23.53 -1.07
N GLU A 38 1.37 24.11 -0.56
CA GLU A 38 1.20 24.28 0.87
C GLU A 38 1.19 22.90 1.53
N TYR A 39 2.01 22.73 2.55
CA TYR A 39 2.09 21.49 3.31
C TYR A 39 1.70 21.69 4.77
N VAL A 40 1.37 20.57 5.42
CA VAL A 40 1.37 20.50 6.88
C VAL A 40 2.44 19.46 7.25
N ASP A 41 2.94 19.54 8.48
CA ASP A 41 3.99 18.63 8.92
C ASP A 41 3.46 17.21 9.06
N GLY A 42 4.24 16.25 8.56
CA GLY A 42 3.93 14.83 8.73
C GLY A 42 4.35 14.34 10.11
N ARG A 43 3.73 13.25 10.54
CA ARG A 43 4.00 12.63 11.84
C ARG A 43 5.05 11.53 11.71
N GLY A 44 5.36 10.88 12.83
CA GLY A 44 6.29 9.74 12.82
C GLY A 44 7.73 10.11 13.13
N PRO A 45 8.67 9.18 12.91
CA PRO A 45 10.08 9.38 13.26
C PRO A 45 10.81 10.38 12.37
N TYR A 46 10.24 10.72 11.22
CA TYR A 46 10.86 11.67 10.30
C TYR A 46 10.05 12.97 10.22
N LYS A 47 9.42 13.31 11.34
CA LYS A 47 8.57 14.50 11.44
C LYS A 47 9.31 15.83 11.23
N SER A 48 10.63 15.82 11.41
CA SER A 48 11.40 17.06 11.25
C SER A 48 11.36 17.57 9.81
N PHE A 49 11.14 16.67 8.85
CA PHE A 49 11.04 17.06 7.43
C PHE A 49 9.88 16.42 6.65
N LEU A 50 9.24 15.38 7.19
CA LEU A 50 8.12 14.76 6.49
C LEU A 50 6.98 15.75 6.37
N LYS A 51 6.38 15.81 5.18
CA LYS A 51 5.26 16.69 4.91
C LYS A 51 4.09 15.90 4.35
N MET A 52 2.89 16.42 4.60
CA MET A 52 1.66 15.92 4.00
C MET A 52 0.95 17.10 3.35
N LEU A 53 0.09 16.83 2.38
CA LEU A 53 -0.85 17.84 1.91
C LEU A 53 -1.94 18.00 2.97
N PRO A 54 -2.59 19.18 3.04
CA PRO A 54 -3.56 19.43 4.11
C PRO A 54 -4.76 18.51 4.08
N SER A 55 -5.01 17.86 2.94
CA SER A 55 -6.10 16.91 2.81
C SER A 55 -5.91 15.64 3.64
N ILE A 56 -4.77 15.52 4.32
CA ILE A 56 -4.57 14.45 5.30
C ILE A 56 -5.57 14.58 6.45
N ARG A 57 -6.24 15.73 6.55
CA ARG A 57 -7.31 15.95 7.54
C ARG A 57 -8.39 14.86 7.56
N TRP A 58 -8.69 14.29 6.40
CA TRP A 58 -9.77 13.30 6.31
C TRP A 58 -9.31 11.90 6.75
N TYR A 59 -8.02 11.65 6.71
CA TYR A 59 -7.47 10.28 6.84
C TYR A 59 -6.74 10.03 8.15
N ASP A 60 -6.19 11.09 8.74
CA ASP A 60 -5.64 11.07 10.09
C ASP A 60 -6.31 12.22 10.84
N PRO A 61 -7.64 12.12 11.04
CA PRO A 61 -8.38 13.26 11.58
C PRO A 61 -8.07 13.59 13.03
N GLU A 62 -7.69 12.61 13.83
CA GLU A 62 -7.33 12.86 15.24
C GLU A 62 -6.21 13.90 15.36
N HIS A 63 -5.30 13.92 14.39
CA HIS A 63 -4.16 14.82 14.45
C HIS A 63 -4.26 16.04 13.51
N TYR A 64 -5.19 16.03 12.56
CA TYR A 64 -5.25 17.07 11.52
C TYR A 64 -6.61 17.73 11.30
N TRP A 65 -7.69 17.11 11.78
CA TRP A 65 -9.04 17.61 11.51
C TRP A 65 -9.31 18.94 12.20
N THR A 66 -9.81 19.91 11.44
CA THR A 66 -10.29 21.18 11.98
C THR A 66 -11.63 21.54 11.36
N ASN A 67 -12.38 22.41 12.02
CA ASN A 67 -13.60 22.95 11.46
C ASN A 67 -13.31 23.70 10.16
N GLY A 68 -14.08 23.37 9.12
CA GLY A 68 -13.96 24.08 7.84
C GLY A 68 -15.32 24.32 7.19
N SER A 69 -16.37 24.32 8.01
CA SER A 69 -17.73 24.50 7.53
C SER A 69 -18.14 25.96 7.58
N GLN A 70 -19.03 26.34 6.68
CA GLN A 70 -19.59 27.70 6.64
C GLN A 70 -21.00 27.73 7.24
N THR A 71 -21.59 26.57 7.48
CA THR A 71 -22.92 26.45 8.05
C THR A 71 -22.84 26.44 9.58
N GLU A 72 -23.65 27.28 10.21
CA GLU A 72 -23.67 27.43 11.67
C GLU A 72 -24.95 26.86 12.24
N GLY A 73 -24.89 26.46 13.51
CA GLY A 73 -26.07 25.97 14.23
C GLY A 73 -25.85 24.67 14.94
N VAL A 74 -26.65 24.44 15.98
CA VAL A 74 -26.71 23.16 16.67
C VAL A 74 -28.02 22.52 16.26
N PHE A 75 -27.95 21.29 15.74
CA PHE A 75 -29.12 20.65 15.14
C PHE A 75 -29.41 19.29 15.75
N LYS A 76 -30.63 18.82 15.51
CA LYS A 76 -31.02 17.47 15.86
C LYS A 76 -30.95 16.58 14.60
N ASN A 77 -30.70 15.29 14.83
CA ASN A 77 -30.62 14.28 13.75
C ASN A 77 -31.57 14.52 12.58
N GLU A 78 -32.85 14.72 12.86
N GLU A 78 -32.85 14.69 12.89
CA GLU A 78 -33.83 14.88 11.79
CA GLU A 78 -33.89 14.96 11.88
C GLU A 78 -33.66 16.18 11.00
C GLU A 78 -33.50 16.11 10.98
N GLU A 79 -32.98 17.17 11.59
CA GLU A 79 -32.61 18.39 10.87
C GLU A 79 -31.39 18.18 9.97
N CYS A 80 -30.45 17.35 10.41
CA CYS A 80 -29.33 16.93 9.56
C CYS A 80 -29.84 16.31 8.26
N VAL A 81 -30.80 15.41 8.40
CA VAL A 81 -31.34 14.64 7.29
C VAL A 81 -32.09 15.53 6.28
N LEU A 82 -32.94 16.41 6.79
CA LEU A 82 -33.77 17.26 5.94
C LEU A 82 -32.95 18.19 5.06
N CYS A 83 -31.89 18.77 5.62
CA CYS A 83 -31.08 19.70 4.87
C CYS A 83 -30.12 18.97 3.93
N HIS A 84 -29.51 17.88 4.41
CA HIS A 84 -28.60 17.10 3.59
C HIS A 84 -29.30 16.32 2.49
N THR A 85 -30.61 16.10 2.64
CA THR A 85 -31.42 15.53 1.57
C THR A 85 -31.33 16.42 0.33
N VAL A 86 -31.13 17.72 0.56
CA VAL A 86 -30.93 18.67 -0.52
C VAL A 86 -29.44 18.85 -0.84
N GLN A 87 -28.61 18.99 0.20
CA GLN A 87 -27.22 19.40 0.01
C GLN A 87 -26.26 18.27 -0.42
N THR A 88 -26.49 17.06 0.08
CA THR A 88 -25.64 15.90 -0.24
C THR A 88 -26.53 14.66 -0.33
N PRO A 89 -27.42 14.61 -1.34
CA PRO A 89 -28.52 13.66 -1.34
C PRO A 89 -28.15 12.20 -1.20
N THR A 90 -27.04 11.79 -1.80
CA THR A 90 -26.66 10.38 -1.77
C THR A 90 -26.21 9.93 -0.37
N ILE A 91 -25.64 10.84 0.41
CA ILE A 91 -25.26 10.51 1.79
C ILE A 91 -26.49 10.12 2.59
N VAL A 92 -27.57 10.89 2.41
CA VAL A 92 -28.84 10.60 3.08
C VAL A 92 -29.49 9.32 2.53
N ASN A 93 -29.44 9.14 1.22
CA ASN A 93 -30.01 7.93 0.60
C ASN A 93 -29.27 6.67 1.06
N ASP A 94 -27.95 6.76 1.17
CA ASP A 94 -27.13 5.69 1.74
C ASP A 94 -27.55 5.41 3.18
N TRP A 95 -27.58 6.47 3.99
CA TRP A 95 -27.87 6.34 5.42
C TRP A 95 -29.26 5.77 5.68
N LYS A 96 -30.24 6.21 4.88
CA LYS A 96 -31.61 5.67 4.96
C LYS A 96 -31.65 4.18 4.61
N GLN A 97 -30.73 3.73 3.76
CA GLN A 97 -30.65 2.31 3.39
C GLN A 97 -29.73 1.50 4.30
N SER A 98 -29.23 2.12 5.36
CA SER A 98 -28.37 1.46 6.34
C SER A 98 -29.15 1.10 7.60
N SER A 99 -28.63 0.13 8.34
CA SER A 99 -29.20 -0.24 9.64
C SER A 99 -29.20 0.92 10.62
N HIS A 100 -28.18 1.77 10.52
CA HIS A 100 -28.11 2.97 11.34
C HIS A 100 -29.36 3.84 11.16
N GLY A 101 -29.81 3.95 9.91
CA GLY A 101 -30.93 4.83 9.57
C GLY A 101 -32.24 4.16 9.25
N SER A 102 -32.32 2.84 9.47
CA SER A 102 -33.52 2.08 9.16
C SER A 102 -33.67 0.87 10.09
N LYS A 103 -34.65 0.93 10.97
CA LYS A 103 -34.94 -0.17 11.91
C LYS A 103 -35.42 -1.44 11.20
N ASP A 104 -36.08 -1.27 10.05
CA ASP A 104 -36.66 -2.42 9.32
C ASP A 104 -35.62 -3.43 8.87
N ILE A 105 -34.41 -2.99 8.53
CA ILE A 105 -33.38 -3.92 8.06
C ILE A 105 -32.45 -4.43 9.18
N ARG A 106 -32.75 -4.07 10.43
CA ARG A 106 -31.93 -4.51 11.57
C ARG A 106 -32.16 -5.99 11.88
N ARG A 107 -31.10 -6.64 12.37
CA ARG A 107 -31.10 -8.09 12.60
C ARG A 107 -31.12 -8.47 14.10
N GLY A 108 -31.30 -7.49 14.97
CA GLY A 108 -31.38 -7.74 16.42
C GLY A 108 -30.08 -8.29 17.00
N ILE A 109 -28.97 -7.72 16.54
CA ILE A 109 -27.64 -8.20 16.87
C ILE A 109 -27.33 -8.01 18.35
N GLY A 110 -27.92 -6.97 18.96
CA GLY A 110 -27.75 -6.66 20.37
C GLY A 110 -26.67 -5.61 20.61
N ILE A 111 -26.64 -4.61 19.73
CA ILE A 111 -25.68 -3.51 19.83
C ILE A 111 -25.91 -2.66 21.09
N LYS A 112 -24.84 -2.37 21.80
CA LYS A 112 -24.89 -1.59 23.03
C LYS A 112 -23.89 -0.45 23.01
N LYS A 113 -24.25 0.64 23.68
CA LYS A 113 -23.34 1.75 23.98
C LYS A 113 -23.41 2.02 25.47
N ASP A 114 -22.25 2.14 26.10
CA ASP A 114 -22.14 2.34 27.57
C ASP A 114 -23.01 1.32 28.33
N GLY A 115 -23.03 0.08 27.84
CA GLY A 115 -23.77 -1.00 28.49
C GLY A 115 -25.27 -1.04 28.21
N LYS A 116 -25.80 -0.05 27.49
CA LYS A 116 -27.24 0.05 27.23
C LYS A 116 -27.55 -0.20 25.76
N PRO A 117 -28.70 -0.85 25.47
CA PRO A 117 -29.01 -1.20 24.08
C PRO A 117 -29.31 0.01 23.20
N VAL A 118 -28.77 0.01 21.99
CA VAL A 118 -29.01 1.08 21.03
C VAL A 118 -30.24 0.72 20.20
N GLU A 119 -31.38 1.30 20.56
CA GLU A 119 -32.66 0.96 19.95
C GLU A 119 -33.19 2.05 19.01
N ASP A 120 -32.61 3.24 19.10
CA ASP A 120 -32.96 4.35 18.23
C ASP A 120 -32.19 4.28 16.91
N LEU A 121 -32.51 5.18 16.00
CA LEU A 121 -31.70 5.40 14.80
C LEU A 121 -30.37 6.03 15.20
N VAL A 122 -29.31 5.61 14.52
CA VAL A 122 -27.99 6.23 14.70
C VAL A 122 -27.81 7.22 13.54
N GLY A 123 -28.04 8.50 13.84
CA GLY A 123 -28.09 9.55 12.81
C GLY A 123 -26.80 10.32 12.63
N CYS A 124 -26.83 11.27 11.70
CA CYS A 124 -25.66 12.08 11.35
C CYS A 124 -24.99 12.66 12.59
N ALA A 125 -25.80 13.14 13.52
CA ALA A 125 -25.30 13.84 14.71
C ALA A 125 -24.62 12.88 15.68
N ASP A 126 -25.07 11.63 15.69
CA ASP A 126 -24.52 10.62 16.59
C ASP A 126 -23.10 10.22 16.21
N CYS A 127 -22.77 10.37 14.92
CA CYS A 127 -21.42 10.06 14.44
C CYS A 127 -20.57 11.30 14.23
N HIS A 128 -21.20 12.45 13.93
CA HIS A 128 -20.46 13.65 13.55
C HIS A 128 -20.54 14.80 14.55
N GLY A 129 -21.45 14.70 15.52
CA GLY A 129 -21.71 15.79 16.46
C GLY A 129 -22.93 16.60 16.06
N ASN A 130 -23.36 17.47 16.97
CA ASN A 130 -24.58 18.25 16.81
C ASN A 130 -24.32 19.67 16.31
N ASN A 131 -23.14 20.18 16.63
CA ASN A 131 -22.75 21.55 16.30
C ASN A 131 -22.03 21.57 14.95
N HIS A 132 -22.58 22.34 14.01
CA HIS A 132 -22.08 22.34 12.65
C HIS A 132 -20.74 23.06 12.50
N GLN A 133 -20.35 23.83 13.52
CA GLN A 133 -19.01 24.43 13.56
C GLN A 133 -18.00 23.59 14.36
N LYS A 134 -18.46 22.49 14.93
CA LYS A 134 -17.56 21.56 15.62
C LYS A 134 -17.85 20.11 15.17
N LEU A 135 -17.96 19.94 13.85
CA LEU A 135 -18.27 18.63 13.28
C LEU A 135 -17.06 17.72 13.40
N GLU A 136 -17.31 16.45 13.64
CA GLU A 136 -16.26 15.45 13.87
C GLU A 136 -16.12 14.51 12.67
N MET A 137 -14.87 14.18 12.34
CA MET A 137 -14.58 13.23 11.28
C MET A 137 -14.00 11.97 11.95
N PRO A 138 -14.80 10.89 12.05
CA PRO A 138 -14.43 9.79 12.93
C PRO A 138 -13.40 8.80 12.39
N THR A 139 -12.85 8.03 13.32
CA THR A 139 -12.02 6.87 13.03
C THR A 139 -12.72 5.65 13.62
N TYR A 140 -12.05 4.50 13.61
CA TYR A 140 -12.55 3.32 14.31
C TYR A 140 -12.88 3.57 15.78
N LYS A 141 -12.28 4.60 16.38
CA LYS A 141 -12.54 4.94 17.78
C LYS A 141 -14.01 5.27 18.04
N LEU A 142 -14.69 5.83 17.05
CA LEU A 142 -16.15 6.02 17.15
C LEU A 142 -16.86 4.67 17.11
N CYS A 143 -16.60 3.92 16.05
CA CYS A 143 -17.25 2.62 15.84
C CYS A 143 -17.11 1.71 17.06
N ASN A 144 -15.97 1.79 17.73
CA ASN A 144 -15.70 1.01 18.93
C ASN A 144 -16.77 1.18 19.99
N ASP A 145 -17.42 2.35 20.04
CA ASP A 145 -18.49 2.60 21.02
C ASP A 145 -19.60 1.57 20.95
N CYS A 146 -19.91 1.10 19.74
CA CYS A 146 -21.04 0.17 19.54
C CYS A 146 -20.65 -1.17 18.92
N HIS A 147 -19.43 -1.25 18.37
CA HIS A 147 -18.95 -2.47 17.72
C HIS A 147 -17.54 -2.85 18.23
N PRO A 148 -17.44 -3.20 19.52
CA PRO A 148 -16.11 -3.46 20.11
C PRO A 148 -15.42 -4.71 19.56
N LYS A 149 -16.19 -5.75 19.22
CA LYS A 149 -15.61 -7.00 18.72
C LYS A 149 -14.86 -6.75 17.40
N GLU A 150 -15.54 -6.12 16.45
CA GLU A 150 -14.97 -5.90 15.13
C GLU A 150 -13.79 -4.94 15.21
N THR A 151 -13.90 -3.97 16.11
CA THR A 151 -12.83 -2.98 16.31
C THR A 151 -11.59 -3.60 16.95
N ALA A 152 -11.79 -4.45 17.96
CA ALA A 152 -10.67 -5.13 18.62
C ALA A 152 -9.89 -6.00 17.64
N GLU A 153 -10.60 -6.66 16.73
CA GLU A 153 -9.95 -7.51 15.72
C GLU A 153 -9.26 -6.68 14.64
N HIS A 154 -9.88 -5.58 14.25
CA HIS A 154 -9.30 -4.62 13.30
C HIS A 154 -7.99 -4.05 13.84
N ARG A 155 -7.89 -3.99 15.18
CA ARG A 155 -6.69 -3.48 15.85
C ARG A 155 -5.75 -4.60 16.35
N ALA A 156 -5.98 -5.84 15.93
CA ALA A 156 -5.23 -6.98 16.48
C ALA A 156 -4.07 -7.45 15.60
N GLY A 157 -3.90 -6.84 14.43
CA GLY A 157 -2.92 -7.30 13.46
C GLY A 157 -1.50 -6.84 13.78
N GLY A 158 -0.53 -7.53 13.20
CA GLY A 158 0.88 -7.15 13.36
C GLY A 158 1.33 -6.24 12.22
N LEU A 159 2.62 -6.01 12.15
CA LEU A 159 3.21 -5.26 11.04
C LEU A 159 2.90 -5.98 9.73
N GLY A 160 2.41 -5.23 8.75
CA GLY A 160 2.01 -5.79 7.48
C GLY A 160 0.51 -5.99 7.36
N SER A 161 -0.24 -5.58 8.37
CA SER A 161 -1.69 -5.69 8.38
C SER A 161 -2.33 -4.31 8.28
N HIS A 162 -3.65 -4.28 8.26
CA HIS A 162 -4.41 -3.01 8.30
C HIS A 162 -4.09 -2.19 9.55
N THR A 163 -3.85 -2.89 10.66
CA THR A 163 -3.66 -2.27 11.97
C THR A 163 -2.54 -1.22 12.01
N HIS A 164 -1.45 -1.46 11.29
CA HIS A 164 -0.30 -0.54 11.31
C HIS A 164 0.05 -0.01 9.92
N ALA A 165 -0.91 -0.07 8.99
CA ALA A 165 -0.65 0.29 7.59
C ALA A 165 -0.11 1.70 7.43
N TYR A 166 -0.69 2.65 8.17
CA TYR A 166 -0.30 4.05 8.09
C TYR A 166 0.70 4.43 9.18
N THR A 167 0.34 4.16 10.42
CA THR A 167 1.17 4.56 11.56
C THR A 167 2.62 4.08 11.43
N VAL A 168 2.80 2.87 10.90
CA VAL A 168 4.15 2.34 10.71
C VAL A 168 4.53 2.33 9.23
N ASN A 169 3.73 1.72 8.39
CA ASN A 169 4.14 1.46 7.00
C ASN A 169 3.90 2.60 6.01
N VAL A 170 3.47 3.76 6.51
CA VAL A 170 3.56 5.00 5.76
C VAL A 170 4.60 5.92 6.41
N LEU A 171 4.44 6.16 7.69
CA LEU A 171 5.28 7.13 8.41
C LEU A 171 6.75 6.69 8.56
N GLU A 172 7.02 5.38 8.51
CA GLU A 172 8.39 4.88 8.61
C GLU A 172 8.96 4.38 7.30
N PHE A 173 8.19 4.42 6.21
CA PHE A 173 8.62 3.77 4.98
C PHE A 173 9.47 4.68 4.09
N SER A 174 10.55 4.10 3.57
CA SER A 174 11.53 4.84 2.76
C SER A 174 10.92 5.50 1.52
N TRP A 175 10.11 4.75 0.79
CA TRP A 175 9.54 5.26 -0.47
C TRP A 175 8.54 6.39 -0.25
N HIS A 176 7.93 6.46 0.94
CA HIS A 176 7.05 7.57 1.30
C HIS A 176 7.84 8.77 1.80
N VAL A 177 8.69 8.55 2.80
CA VAL A 177 9.49 9.62 3.40
C VAL A 177 10.53 10.17 2.43
N GLY A 178 10.92 9.37 1.44
CA GLY A 178 11.93 9.79 0.46
C GLY A 178 11.43 10.59 -0.74
N LYS A 179 10.14 10.93 -0.77
CA LYS A 179 9.55 11.60 -1.93
C LYS A 179 8.75 12.83 -1.51
N PRO A 180 8.61 13.81 -2.41
CA PRO A 180 7.74 14.95 -2.13
C PRO A 180 6.31 14.51 -1.84
N ALA A 181 5.71 15.12 -0.83
CA ALA A 181 4.44 14.68 -0.26
C ALA A 181 3.36 14.47 -1.31
N GLU A 182 3.22 15.41 -2.24
CA GLU A 182 2.13 15.37 -3.24
C GLU A 182 2.28 14.22 -4.23
N GLU A 183 3.49 13.67 -4.33
CA GLU A 183 3.74 12.52 -5.20
C GLU A 183 3.16 11.22 -4.64
N VAL A 184 2.98 11.18 -3.32
CA VAL A 184 2.59 9.94 -2.63
C VAL A 184 1.37 10.13 -1.73
N THR A 185 0.49 11.07 -2.10
CA THR A 185 -0.76 11.30 -1.37
C THR A 185 -1.60 10.02 -1.30
N GLY A 186 -1.71 9.32 -2.42
CA GLY A 186 -2.47 8.09 -2.50
C GLY A 186 -1.96 6.98 -1.59
N CYS A 187 -0.65 6.96 -1.38
CA CYS A 187 -0.04 5.98 -0.47
C CYS A 187 -0.54 6.21 0.95
N ALA A 188 -0.43 7.46 1.41
CA ALA A 188 -0.90 7.83 2.74
C ALA A 188 -2.37 7.47 2.92
N HIS A 189 -3.18 7.78 1.91
CA HIS A 189 -4.62 7.59 2.00
C HIS A 189 -5.03 6.14 1.92
N CYS A 190 -4.44 5.39 1.00
CA CYS A 190 -4.74 3.97 0.89
C CYS A 190 -4.45 3.25 2.20
N HIS A 191 -3.24 3.45 2.70
CA HIS A 191 -2.80 2.80 3.93
C HIS A 191 -3.57 3.33 5.15
N ALA A 192 -3.91 4.62 5.14
CA ALA A 192 -4.68 5.23 6.24
C ALA A 192 -6.14 4.79 6.24
N ILE A 193 -6.75 4.65 5.05
CA ILE A 193 -8.10 4.10 4.96
C ILE A 193 -8.15 2.72 5.59
N ALA A 194 -7.16 1.89 5.30
CA ALA A 194 -7.09 0.54 5.86
C ALA A 194 -6.95 0.55 7.39
N GLU A 195 -6.12 1.44 7.92
CA GLU A 195 -5.87 1.47 9.36
C GLU A 195 -6.96 2.20 10.14
N ASN A 196 -7.16 3.47 9.81
CA ASN A 196 -7.96 4.38 10.65
C ASN A 196 -9.46 4.33 10.43
N ARG A 197 -9.89 3.66 9.36
CA ARG A 197 -11.32 3.63 9.03
C ARG A 197 -11.92 2.26 9.16
N CYS A 198 -13.24 2.23 9.08
CA CYS A 198 -14.03 1.00 9.08
C CYS A 198 -14.90 0.94 7.81
N SER A 199 -14.49 1.68 6.79
CA SER A 199 -15.27 1.84 5.57
C SER A 199 -14.52 1.36 4.30
N GLY A 200 -13.38 0.71 4.50
CA GLY A 200 -12.57 0.23 3.37
C GLY A 200 -13.23 -0.92 2.61
N CYS A 201 -14.01 -1.73 3.33
CA CYS A 201 -14.69 -2.89 2.74
C CYS A 201 -16.18 -2.68 2.61
N HIS A 202 -16.85 -2.35 3.71
CA HIS A 202 -18.25 -1.90 3.67
C HIS A 202 -18.30 -0.39 3.73
N THR A 203 -18.41 0.24 2.57
CA THR A 203 -18.28 1.68 2.43
C THR A 203 -19.37 2.44 3.15
N ARG A 204 -19.06 3.69 3.48
CA ARG A 204 -20.06 4.63 3.98
C ARG A 204 -20.92 5.02 2.77
N HIS A 205 -22.19 5.38 2.98
CA HIS A 205 -22.83 5.42 4.28
C HIS A 205 -23.83 4.27 4.47
N LYS A 206 -23.81 3.30 3.56
CA LYS A 206 -24.67 2.11 3.69
C LYS A 206 -24.12 1.11 4.71
N PHE A 207 -22.80 1.04 4.82
CA PHE A 207 -22.10 0.07 5.68
C PHE A 207 -22.73 -1.31 5.56
N ASP A 208 -22.74 -1.83 4.33
CA ASP A 208 -23.38 -3.09 4.01
C ASP A 208 -22.35 -4.24 4.03
N PRO A 209 -22.49 -5.18 4.98
CA PRO A 209 -21.56 -6.31 5.01
C PRO A 209 -21.58 -7.15 3.73
N ALA A 210 -22.72 -7.22 3.04
CA ALA A 210 -22.83 -7.97 1.79
C ALA A 210 -21.90 -7.40 0.71
N GLU A 211 -21.75 -6.08 0.70
CA GLU A 211 -20.77 -5.42 -0.16
C GLU A 211 -19.35 -5.81 0.26
N ALA A 212 -19.13 -5.88 1.58
CA ALA A 212 -17.80 -6.19 2.13
C ALA A 212 -17.30 -7.59 1.77
N ARG A 213 -18.23 -8.52 1.54
CA ARG A 213 -17.87 -9.90 1.21
C ARG A 213 -17.34 -10.07 -0.22
N LYS A 214 -17.61 -9.08 -1.09
CA LYS A 214 -17.23 -9.19 -2.49
C LYS A 214 -15.74 -8.84 -2.68
N PRO A 215 -15.12 -9.35 -3.76
CA PRO A 215 -13.71 -9.04 -4.06
C PRO A 215 -13.47 -7.56 -4.32
N THR A 216 -14.52 -6.88 -4.75
CA THR A 216 -14.52 -5.43 -4.93
C THR A 216 -14.29 -4.65 -3.64
N ALA A 217 -14.46 -5.31 -2.49
CA ALA A 217 -14.18 -4.71 -1.18
C ALA A 217 -12.68 -4.65 -0.88
N CYS A 218 -11.87 -5.38 -1.65
CA CYS A 218 -10.44 -5.49 -1.41
C CYS A 218 -9.56 -5.03 -2.57
N ARG A 219 -10.04 -5.20 -3.81
CA ARG A 219 -9.16 -5.06 -4.99
C ARG A 219 -8.63 -3.67 -5.32
N VAL A 220 -9.26 -2.62 -4.79
CA VAL A 220 -8.79 -1.24 -5.02
C VAL A 220 -7.43 -1.00 -4.35
N CYS A 221 -7.14 -1.80 -3.32
CA CYS A 221 -5.87 -1.72 -2.60
C CYS A 221 -4.99 -2.92 -2.92
N HIS A 222 -5.59 -4.10 -2.94
CA HIS A 222 -4.86 -5.34 -3.14
C HIS A 222 -4.71 -5.66 -4.63
N MET A 223 -4.05 -4.77 -5.35
CA MET A 223 -3.83 -4.94 -6.79
C MET A 223 -2.43 -4.51 -7.17
N GLY A 224 -2.07 -4.82 -8.41
CA GLY A 224 -0.96 -4.15 -9.08
C GLY A 224 0.38 -4.85 -9.07
N ILE A 225 1.38 -4.06 -9.42
CA ILE A 225 2.71 -4.58 -9.76
C ILE A 225 3.48 -5.19 -8.59
N ASP A 226 3.24 -4.69 -7.38
CA ASP A 226 3.98 -5.21 -6.21
C ASP A 226 3.17 -6.15 -5.32
N HIS A 227 1.88 -6.29 -5.60
CA HIS A 227 0.99 -7.20 -4.87
C HIS A 227 -0.30 -7.39 -5.67
N ASP A 228 -0.24 -8.34 -6.60
CA ASP A 228 -1.27 -8.47 -7.64
C ASP A 228 -2.30 -9.56 -7.33
N GLU A 229 -2.61 -9.73 -6.04
CA GLU A 229 -3.54 -10.79 -5.60
C GLU A 229 -4.94 -10.67 -6.21
N TRP A 230 -5.41 -9.46 -6.50
CA TRP A 230 -6.68 -9.31 -7.22
C TRP A 230 -6.61 -10.02 -8.57
N ALA A 231 -5.57 -9.73 -9.35
CA ALA A 231 -5.40 -10.33 -10.66
C ALA A 231 -5.13 -11.84 -10.57
N MET A 232 -4.40 -12.24 -9.53
CA MET A 232 -4.14 -13.67 -9.31
C MET A 232 -5.44 -14.40 -9.01
N TYR A 233 -6.25 -13.80 -8.14
CA TYR A 233 -7.57 -14.34 -7.83
C TYR A 233 -8.49 -14.32 -9.05
N ASN A 234 -8.52 -13.18 -9.74
CA ASN A 234 -9.42 -13.00 -10.89
C ASN A 234 -9.10 -13.94 -12.07
N THR A 235 -7.84 -14.37 -12.16
CA THR A 235 -7.40 -15.29 -13.22
C THR A 235 -7.28 -16.73 -12.74
N SER A 236 -7.78 -17.01 -11.54
CA SER A 236 -7.99 -18.38 -11.10
C SER A 236 -9.39 -18.78 -11.48
N ILE A 237 -9.69 -20.07 -11.37
CA ILE A 237 -11.03 -20.57 -11.64
C ILE A 237 -12.03 -20.07 -10.58
N HIS A 238 -11.55 -19.80 -9.37
CA HIS A 238 -12.41 -19.14 -8.37
C HIS A 238 -12.84 -17.76 -8.87
N GLY A 239 -11.90 -17.00 -9.40
CA GLY A 239 -12.18 -15.66 -9.90
C GLY A 239 -13.16 -15.65 -11.06
N ALA A 240 -12.99 -16.59 -11.98
CA ALA A 240 -13.90 -16.71 -13.12
C ALA A 240 -15.30 -17.07 -12.65
N LEU A 241 -15.38 -17.97 -11.67
CA LEU A 241 -16.68 -18.34 -11.11
C LEU A 241 -17.34 -17.20 -10.35
N TYR A 242 -16.53 -16.37 -9.67
CA TYR A 242 -17.05 -15.17 -9.03
C TYR A 242 -17.70 -14.25 -10.08
N GLU A 243 -17.03 -14.05 -11.21
CA GLU A 243 -17.58 -13.19 -12.27
C GLU A 243 -18.84 -13.81 -12.86
N ALA A 244 -18.86 -15.14 -12.98
CA ALA A 244 -20.00 -15.84 -13.54
C ALA A 244 -21.23 -15.81 -12.62
N GLU A 245 -21.01 -15.89 -11.30
CA GLU A 245 -22.10 -16.06 -10.35
C GLU A 245 -22.46 -14.82 -9.52
N SER A 246 -21.66 -13.76 -9.61
CA SER A 246 -21.86 -12.57 -8.76
C SER A 246 -23.28 -12.00 -8.83
N ALA A 247 -23.80 -11.91 -10.05
CA ALA A 247 -25.08 -11.25 -10.30
C ALA A 247 -26.27 -11.94 -9.66
N ARG A 248 -26.20 -13.26 -9.50
CA ARG A 248 -27.37 -14.03 -9.07
C ARG A 248 -27.20 -14.79 -7.75
N MET A 249 -25.99 -14.79 -7.21
CA MET A 249 -25.73 -15.46 -5.93
C MET A 249 -26.19 -14.60 -4.74
N ASP A 250 -26.38 -15.24 -3.60
CA ASP A 250 -26.88 -14.57 -2.40
C ASP A 250 -25.70 -14.06 -1.57
N TRP A 251 -25.40 -12.77 -1.71
CA TRP A 251 -24.34 -12.13 -0.95
C TRP A 251 -24.77 -11.78 0.47
N GLY A 252 -26.06 -11.98 0.78
CA GLY A 252 -26.59 -11.72 2.11
C GLY A 252 -26.22 -12.75 3.16
N LYS A 253 -25.72 -13.91 2.72
CA LYS A 253 -25.31 -14.98 3.63
C LYS A 253 -23.98 -14.68 4.31
N LYS A 254 -23.89 -15.01 5.60
CA LYS A 254 -22.66 -14.83 6.36
C LYS A 254 -21.54 -15.72 5.84
N LEU A 255 -20.31 -15.23 5.97
CA LEU A 255 -19.13 -15.97 5.55
C LEU A 255 -18.95 -17.19 6.45
N LYS A 256 -19.48 -18.32 5.99
CA LYS A 256 -19.28 -19.58 6.71
C LYS A 256 -19.45 -20.80 5.81
N LYS A 257 -18.71 -21.83 6.18
CA LYS A 257 -18.77 -23.17 5.59
C LYS A 257 -20.18 -23.56 5.13
N GLY A 258 -20.34 -23.74 3.83
CA GLY A 258 -21.63 -24.16 3.26
C GLY A 258 -22.49 -23.03 2.73
N ASN A 259 -22.17 -21.79 3.08
CA ASN A 259 -22.98 -20.66 2.62
C ASN A 259 -22.60 -20.17 1.22
N TYR A 260 -21.44 -20.56 0.72
CA TYR A 260 -20.95 -20.09 -0.58
C TYR A 260 -20.36 -21.21 -1.42
N ARG A 261 -20.67 -21.18 -2.71
CA ARG A 261 -19.97 -22.04 -3.67
C ARG A 261 -18.59 -21.48 -3.99
N VAL A 262 -18.55 -20.19 -4.33
CA VAL A 262 -17.34 -19.51 -4.79
C VAL A 262 -16.70 -18.76 -3.64
N PRO A 263 -15.41 -19.01 -3.35
CA PRO A 263 -14.70 -18.29 -2.31
C PRO A 263 -14.23 -16.92 -2.77
N THR A 264 -14.30 -15.94 -1.88
CA THR A 264 -13.78 -14.59 -2.12
C THR A 264 -12.66 -14.28 -1.12
N CYS A 265 -12.03 -13.12 -1.29
CA CYS A 265 -10.99 -12.64 -0.38
C CYS A 265 -11.47 -12.73 1.07
N ALA A 266 -12.64 -12.15 1.32
CA ALA A 266 -13.22 -12.14 2.64
C ALA A 266 -13.49 -13.56 3.15
N TYR A 267 -14.00 -14.43 2.29
CA TYR A 267 -14.27 -15.82 2.68
C TYR A 267 -13.03 -16.52 3.25
N CYS A 268 -11.90 -16.39 2.57
CA CYS A 268 -10.69 -17.11 2.94
C CYS A 268 -9.86 -16.38 4.00
N HIS A 269 -9.93 -15.06 4.00
CA HIS A 269 -9.06 -14.26 4.88
C HIS A 269 -9.79 -13.65 6.07
N MET A 270 -11.07 -13.35 5.92
CA MET A 270 -11.90 -12.94 7.06
C MET A 270 -12.79 -14.11 7.44
N GLN A 271 -12.14 -15.23 7.75
CA GLN A 271 -12.83 -16.49 7.99
C GLN A 271 -13.81 -16.34 9.15
N ASN A 272 -15.07 -16.67 8.89
CA ASN A 272 -16.15 -16.57 9.88
C ASN A 272 -16.31 -15.15 10.43
N GLY A 273 -16.03 -14.15 9.59
CA GLY A 273 -16.24 -12.75 9.94
C GLY A 273 -15.14 -12.14 10.79
N ASP A 274 -13.99 -12.80 10.87
CA ASP A 274 -12.89 -12.33 11.67
C ASP A 274 -12.30 -11.07 11.03
N HIS A 275 -12.24 -9.99 11.81
CA HIS A 275 -11.76 -8.70 11.33
C HIS A 275 -10.26 -8.47 11.50
N ASN A 276 -9.52 -9.56 11.76
CA ASN A 276 -8.07 -9.56 11.76
C ASN A 276 -7.61 -10.54 10.66
N PRO A 277 -7.80 -10.16 9.39
CA PRO A 277 -7.53 -11.12 8.32
C PRO A 277 -6.07 -11.57 8.19
N GLN A 278 -5.12 -10.81 8.73
CA GLN A 278 -3.71 -11.21 8.66
C GLN A 278 -3.42 -12.51 9.40
N ARG A 279 -4.18 -12.82 10.45
CA ARG A 279 -3.80 -13.89 11.38
C ARG A 279 -3.83 -15.31 10.79
N PHE A 280 -4.58 -15.51 9.71
CA PHE A 280 -4.63 -16.83 9.06
C PHE A 280 -3.37 -17.12 8.24
N GLY A 281 -2.60 -16.08 7.92
CA GLY A 281 -1.35 -16.24 7.20
C GLY A 281 -0.31 -17.02 7.98
N THR A 282 0.46 -17.85 7.29
CA THR A 282 1.47 -18.70 7.91
C THR A 282 2.51 -17.86 8.66
N ILE A 283 3.03 -16.84 7.98
CA ILE A 283 4.07 -15.99 8.52
C ILE A 283 4.22 -14.78 7.62
N TYR A 284 4.46 -13.61 8.19
CA TYR A 284 4.70 -12.40 7.40
C TYR A 284 6.03 -12.51 6.66
N SER A 285 6.02 -12.21 5.35
CA SER A 285 7.18 -12.48 4.49
C SER A 285 7.58 -11.28 3.64
N ASP A 286 7.24 -10.08 4.10
CA ASP A 286 7.46 -8.85 3.32
C ASP A 286 6.93 -8.99 1.88
N MET A 287 5.64 -9.27 1.76
CA MET A 287 4.96 -9.44 0.47
C MET A 287 5.62 -10.51 -0.41
N GLY A 288 6.17 -11.54 0.21
CA GLY A 288 6.80 -12.64 -0.52
C GLY A 288 8.22 -12.37 -0.98
N MET A 289 8.78 -11.23 -0.57
CA MET A 289 10.18 -10.90 -0.85
C MET A 289 11.13 -11.73 0.02
N PHE A 290 10.68 -12.14 1.20
CA PHE A 290 11.42 -13.07 2.06
C PHE A 290 10.97 -14.50 1.78
N GLN A 291 11.93 -15.41 1.59
CA GLN A 291 11.63 -16.80 1.25
C GLN A 291 11.29 -17.60 2.50
N VAL A 292 10.23 -18.40 2.40
CA VAL A 292 9.86 -19.30 3.48
C VAL A 292 9.02 -20.45 2.95
N ASP A 293 9.38 -21.65 3.37
CA ASP A 293 8.63 -22.83 3.01
C ASP A 293 7.50 -23.02 4.02
N ARG A 294 6.30 -22.69 3.56
CA ARG A 294 5.11 -22.76 4.40
C ARG A 294 4.61 -24.20 4.59
N GLY A 295 5.23 -25.15 3.89
CA GLY A 295 4.91 -26.56 4.04
C GLY A 295 5.91 -27.33 4.91
N ALA A 296 6.85 -26.61 5.53
CA ALA A 296 7.84 -27.23 6.42
C ALA A 296 7.18 -27.66 7.74
N PRO A 297 7.79 -28.65 8.43
CA PRO A 297 7.19 -29.20 9.65
C PRO A 297 6.84 -28.15 10.71
N LYS A 298 7.64 -27.09 10.80
CA LYS A 298 7.41 -26.08 11.82
C LYS A 298 6.18 -25.21 11.56
N HIS A 299 5.64 -25.25 10.35
CA HIS A 299 4.42 -24.48 10.01
C HIS A 299 3.21 -25.39 9.79
N LYS A 300 3.23 -26.56 10.41
CA LYS A 300 2.19 -27.56 10.17
C LYS A 300 0.80 -27.11 10.61
N ALA A 301 0.70 -26.43 11.76
CA ALA A 301 -0.61 -25.99 12.26
C ALA A 301 -1.28 -25.00 11.30
N LYS A 302 -0.48 -24.11 10.73
CA LYS A 302 -0.97 -23.15 9.73
C LYS A 302 -1.35 -23.83 8.42
N ARG A 303 -0.50 -24.74 7.94
CA ARG A 303 -0.79 -25.47 6.71
C ARG A 303 -2.05 -26.30 6.89
N ASP A 304 -2.16 -26.98 8.03
CA ASP A 304 -3.36 -27.77 8.33
C ASP A 304 -4.62 -26.90 8.38
N SER A 305 -4.50 -25.70 8.96
CA SER A 305 -5.63 -24.76 9.02
C SER A 305 -6.08 -24.34 7.63
N TRP A 306 -5.13 -24.05 6.75
CA TRP A 306 -5.44 -23.72 5.36
C TRP A 306 -6.09 -24.90 4.61
N ILE A 307 -5.54 -26.09 4.80
CA ILE A 307 -6.11 -27.31 4.19
C ILE A 307 -7.56 -27.51 4.62
N LYS A 308 -7.83 -27.24 5.90
CA LYS A 308 -9.18 -27.38 6.41
C LYS A 308 -10.12 -26.30 5.87
N LEU A 309 -9.58 -25.09 5.65
CA LEU A 309 -10.34 -24.03 5.00
C LEU A 309 -10.74 -24.45 3.58
N CYS A 310 -9.78 -24.99 2.83
CA CYS A 310 -10.07 -25.46 1.48
C CYS A 310 -11.07 -26.62 1.50
N GLN A 311 -11.09 -27.36 2.60
CA GLN A 311 -11.96 -28.52 2.74
C GLN A 311 -13.44 -28.16 2.89
N ASP A 312 -13.76 -26.87 2.99
CA ASP A 312 -15.16 -26.44 2.86
C ASP A 312 -15.73 -26.94 1.54
N CYS A 313 -14.87 -27.01 0.52
CA CYS A 313 -15.33 -27.27 -0.84
C CYS A 313 -14.47 -28.26 -1.63
N HIS A 314 -13.46 -28.86 -0.97
CA HIS A 314 -12.53 -29.78 -1.64
C HIS A 314 -12.13 -30.94 -0.76
N SER A 315 -11.48 -31.91 -1.41
CA SER A 315 -10.71 -32.92 -0.70
C SER A 315 -9.52 -32.25 -0.05
N PRO A 316 -9.16 -32.68 1.19
CA PRO A 316 -7.97 -32.11 1.82
C PRO A 316 -6.64 -32.54 1.17
N ARG A 317 -6.66 -33.70 0.52
N ARG A 317 -6.62 -33.70 0.50
CA ARG A 317 -5.53 -34.22 -0.24
CA ARG A 317 -5.42 -34.16 -0.22
C ARG A 317 -5.22 -33.30 -1.41
C ARG A 317 -5.19 -33.29 -1.45
N PHE A 318 -6.28 -32.87 -2.10
CA PHE A 318 -6.19 -31.94 -3.23
C PHE A 318 -5.66 -30.58 -2.78
N ALA A 319 -6.23 -30.06 -1.69
CA ALA A 319 -5.79 -28.78 -1.11
C ALA A 319 -4.34 -28.84 -0.65
N ALA A 320 -3.96 -29.93 0.01
CA ALA A 320 -2.59 -30.13 0.47
C ALA A 320 -1.61 -30.18 -0.71
N ASP A 321 -2.02 -30.81 -1.80
CA ASP A 321 -1.22 -30.84 -3.02
C ASP A 321 -1.04 -29.46 -3.64
N LYS A 322 -2.10 -28.66 -3.66
CA LYS A 322 -2.04 -27.32 -4.25
C LYS A 322 -1.11 -26.40 -3.47
N LEU A 323 -1.17 -26.49 -2.15
CA LEU A 323 -0.33 -25.69 -1.28
C LEU A 323 1.12 -26.16 -1.31
N LYS A 324 1.34 -27.45 -1.59
CA LYS A 324 2.71 -27.96 -1.83
C LYS A 324 3.29 -27.45 -3.16
N GLU A 325 2.43 -27.29 -4.16
CA GLU A 325 2.83 -26.71 -5.44
C GLU A 325 3.31 -25.28 -5.24
N MET A 326 2.62 -24.55 -4.36
CA MET A 326 3.03 -23.19 -3.98
C MET A 326 4.43 -23.21 -3.39
N ASP A 327 4.66 -24.12 -2.45
CA ASP A 327 5.96 -24.21 -1.77
C ASP A 327 7.07 -24.48 -2.78
N ALA A 328 6.84 -25.45 -3.66
CA ALA A 328 7.83 -25.83 -4.67
C ALA A 328 8.06 -24.71 -5.70
N GLY A 329 6.98 -24.06 -6.14
CA GLY A 329 7.07 -22.98 -7.11
C GLY A 329 7.76 -21.75 -6.56
N VAL A 330 7.52 -21.45 -5.29
CA VAL A 330 8.17 -20.32 -4.62
C VAL A 330 9.67 -20.58 -4.46
N ASN A 331 10.02 -21.81 -4.05
CA ASN A 331 11.43 -22.17 -3.86
C ASN A 331 12.24 -22.16 -5.15
N LEU A 332 11.59 -22.53 -6.25
CA LEU A 332 12.24 -22.45 -7.57
C LEU A 332 12.46 -21.00 -7.97
N SER A 333 11.50 -20.14 -7.63
CA SER A 333 11.54 -18.73 -8.03
C SER A 333 12.71 -17.96 -7.40
N PHE A 334 13.13 -18.37 -6.20
CA PHE A 334 14.23 -17.67 -5.53
C PHE A 334 15.62 -17.98 -6.12
N THR A 335 15.72 -19.03 -6.94
CA THR A 335 16.99 -19.34 -7.61
C THR A 335 17.31 -18.27 -8.67
N LYS A 336 16.26 -17.75 -9.30
CA LYS A 336 16.42 -16.72 -10.30
C LYS A 336 16.76 -15.37 -9.66
N TRP A 337 16.17 -15.12 -8.48
CA TRP A 337 16.49 -13.89 -7.75
C TRP A 337 17.93 -13.92 -7.25
N ARG A 338 18.36 -15.07 -6.71
CA ARG A 338 19.74 -15.19 -6.20
C ARG A 338 20.77 -15.08 -7.33
N GLU A 339 20.44 -15.60 -8.51
CA GLU A 339 21.27 -15.37 -9.70
C GLU A 339 21.38 -13.88 -9.99
N ALA A 340 20.22 -13.23 -10.07
CA ALA A 340 20.15 -11.81 -10.38
C ALA A 340 20.93 -10.99 -9.36
N ALA A 341 20.75 -11.29 -8.07
CA ALA A 341 21.47 -10.58 -7.00
C ALA A 341 22.99 -10.71 -7.15
N ALA A 342 23.46 -11.93 -7.43
CA ALA A 342 24.88 -12.21 -7.63
C ALA A 342 25.45 -11.37 -8.79
N VAL A 343 24.69 -11.27 -9.88
CA VAL A 343 25.11 -10.46 -11.01
C VAL A 343 25.16 -8.98 -10.66
N ILE A 344 24.15 -8.50 -9.93
CA ILE A 344 24.05 -7.08 -9.62
C ILE A 344 25.12 -6.62 -8.62
N VAL A 345 25.24 -7.32 -7.51
CA VAL A 345 26.24 -6.98 -6.48
C VAL A 345 27.67 -7.18 -7.00
N GLY A 346 27.83 -8.15 -7.89
CA GLY A 346 29.10 -8.38 -8.57
C GLY A 346 29.56 -7.17 -9.36
N CYS A 347 28.64 -6.53 -10.07
CA CYS A 347 28.95 -5.29 -10.80
C CYS A 347 29.37 -4.18 -9.84
N TYR A 348 28.70 -4.11 -8.69
CA TYR A 348 29.06 -3.12 -7.67
C TYR A 348 30.45 -3.37 -7.10
N LEU A 349 30.73 -4.62 -6.74
CA LEU A 349 32.03 -4.98 -6.17
C LEU A 349 33.18 -4.71 -7.15
N ASP A 350 32.92 -4.89 -8.45
CA ASP A 350 33.91 -4.61 -9.49
C ASP A 350 33.95 -3.13 -9.88
N GLY A 351 33.01 -2.35 -9.37
CA GLY A 351 32.97 -0.91 -9.62
C GLY A 351 32.65 -0.50 -11.06
N VAL A 352 31.79 -1.28 -11.71
CA VAL A 352 31.40 -1.01 -13.10
C VAL A 352 29.96 -0.49 -13.24
N VAL A 353 29.27 -0.28 -12.13
CA VAL A 353 27.90 0.22 -12.15
C VAL A 353 27.91 1.70 -12.50
N ASP A 354 27.12 2.08 -13.49
CA ASP A 354 27.02 3.48 -13.90
C ASP A 354 25.58 3.97 -13.77
N PRO A 355 25.34 4.97 -12.90
CA PRO A 355 26.30 5.61 -12.00
C PRO A 355 26.62 4.71 -10.81
N MET A 356 27.78 4.92 -10.21
CA MET A 356 28.06 4.36 -8.88
C MET A 356 27.28 5.21 -7.87
N PRO A 357 27.11 4.70 -6.64
CA PRO A 357 26.28 5.40 -5.65
C PRO A 357 26.66 6.86 -5.41
N GLU A 358 27.95 7.19 -5.51
CA GLU A 358 28.42 8.57 -5.31
C GLU A 358 28.09 9.48 -6.51
N GLY A 359 27.72 8.88 -7.64
CA GLY A 359 27.30 9.64 -8.83
C GLY A 359 25.82 9.97 -8.87
N SER A 360 25.04 9.37 -7.98
CA SER A 360 23.62 9.65 -7.87
C SER A 360 23.34 10.63 -6.74
N ALA A 361 22.09 11.09 -6.65
CA ALA A 361 21.64 11.89 -5.54
C ALA A 361 21.68 11.01 -4.30
N PRO A 362 21.97 11.61 -3.13
CA PRO A 362 21.95 10.78 -1.94
C PRO A 362 20.61 10.08 -1.75
N ASP A 363 20.63 8.87 -1.18
CA ASP A 363 19.39 8.17 -0.82
C ASP A 363 18.67 8.93 0.30
N TRP A 364 17.50 8.43 0.69
CA TRP A 364 16.64 9.15 1.62
C TRP A 364 17.23 9.27 3.04
N TYR A 365 18.22 8.44 3.36
CA TYR A 365 18.98 8.59 4.62
C TYR A 365 19.99 9.74 4.55
N GLY A 366 20.33 10.14 3.32
CA GLY A 366 21.36 11.13 3.08
C GLY A 366 22.70 10.49 2.78
N HIS A 367 22.68 9.21 2.41
CA HIS A 367 23.89 8.45 2.15
C HIS A 367 24.08 8.21 0.66
N TYR A 368 25.32 7.93 0.28
CA TYR A 368 25.64 7.51 -1.07
C TYR A 368 26.00 6.04 -1.04
N THR A 369 24.97 5.22 -0.83
CA THR A 369 25.14 3.79 -0.58
C THR A 369 24.42 2.98 -1.66
N PHE A 370 25.04 1.88 -2.09
CA PHE A 370 24.43 0.98 -3.07
C PHE A 370 23.13 0.42 -2.52
N SER A 371 22.06 0.55 -3.30
CA SER A 371 20.71 0.24 -2.83
C SER A 371 20.49 -1.22 -2.45
N LEU A 372 21.27 -2.12 -3.05
CA LEU A 372 21.09 -3.56 -2.81
C LEU A 372 22.24 -4.11 -1.96
N LEU A 373 22.62 -3.34 -0.96
CA LEU A 373 23.53 -3.76 0.11
C LEU A 373 22.88 -3.45 1.44
N PRO A 374 23.38 -4.07 2.54
CA PRO A 374 22.83 -3.75 3.86
C PRO A 374 23.03 -2.29 4.22
N GLY A 375 21.96 -1.66 4.71
CA GLY A 375 21.97 -0.22 5.00
C GLY A 375 21.49 0.64 3.83
N GLY A 376 21.42 0.06 2.64
CA GLY A 376 20.92 0.77 1.46
C GLY A 376 19.40 0.78 1.39
N ASP A 377 18.87 1.48 0.39
CA ASP A 377 17.43 1.62 0.19
C ASP A 377 17.04 1.04 -1.17
N PRO A 378 16.64 -0.25 -1.21
CA PRO A 378 16.21 -0.85 -2.48
C PRO A 378 15.07 -0.05 -3.12
N ARG A 379 15.26 0.35 -4.37
CA ARG A 379 14.32 1.26 -5.02
C ARG A 379 14.35 1.18 -6.54
N PHE A 380 13.38 1.87 -7.13
CA PHE A 380 13.16 1.92 -8.58
C PHE A 380 13.40 3.32 -9.16
N TYR A 381 13.66 4.28 -8.28
CA TYR A 381 13.83 5.67 -8.68
C TYR A 381 15.16 6.24 -8.17
N ALA A 382 15.65 7.28 -8.85
CA ALA A 382 16.86 7.99 -8.43
C ALA A 382 18.03 7.03 -8.19
N THR A 383 18.19 6.07 -9.10
CA THR A 383 19.19 5.02 -8.96
C THR A 383 19.58 4.53 -10.35
N SER A 384 20.51 3.56 -10.40
CA SER A 384 20.97 3.02 -11.67
C SER A 384 19.92 2.11 -12.30
N ASN A 385 20.07 1.87 -13.59
CA ASN A 385 19.19 0.92 -14.28
C ASN A 385 19.34 -0.48 -13.70
N LEU A 386 20.58 -0.84 -13.36
CA LEU A 386 20.88 -2.15 -12.81
C LEU A 386 20.15 -2.37 -11.48
N GLU A 387 20.21 -1.36 -10.62
CA GLU A 387 19.56 -1.43 -9.31
C GLU A 387 18.03 -1.42 -9.44
N ARG A 388 17.52 -0.62 -10.36
CA ARG A 388 16.08 -0.57 -10.63
C ARG A 388 15.56 -1.94 -11.06
N LEU A 389 16.27 -2.56 -12.00
CA LEU A 389 15.92 -3.88 -12.50
C LEU A 389 16.00 -4.94 -11.40
N GLY A 390 16.93 -4.74 -10.46
CA GLY A 390 17.06 -5.61 -9.30
C GLY A 390 15.85 -5.51 -8.37
N LEU A 391 15.45 -4.29 -8.04
CA LEU A 391 14.27 -4.06 -7.22
C LEU A 391 13.03 -4.69 -7.88
N GLU A 392 12.91 -4.50 -9.19
CA GLU A 392 11.78 -5.06 -9.94
C GLU A 392 11.77 -6.58 -9.90
N MET A 393 12.96 -7.18 -9.87
CA MET A 393 13.07 -8.64 -9.80
C MET A 393 12.56 -9.20 -8.47
N ILE A 394 12.98 -8.59 -7.37
CA ILE A 394 12.64 -9.12 -6.05
C ILE A 394 11.24 -8.72 -5.60
N CYS A 395 10.85 -7.47 -5.84
CA CYS A 395 9.59 -6.94 -5.33
C CYS A 395 8.42 -7.23 -6.26
N TYR A 396 8.53 -6.78 -7.50
CA TYR A 396 7.41 -6.89 -8.45
C TYR A 396 7.17 -8.32 -8.94
N LEU A 397 8.23 -9.12 -9.10
CA LEU A 397 8.08 -10.44 -9.71
C LEU A 397 8.15 -11.58 -8.72
N THR A 398 9.26 -11.69 -7.99
CA THR A 398 9.47 -12.82 -7.08
C THR A 398 8.39 -12.88 -5.99
N GLY A 399 8.05 -11.72 -5.42
CA GLY A 399 6.96 -11.65 -4.44
C GLY A 399 5.60 -12.04 -5.01
N ASN A 400 5.37 -11.73 -6.28
CA ASN A 400 4.10 -12.04 -6.93
C ASN A 400 3.99 -13.49 -7.42
N VAL A 401 5.12 -14.19 -7.56
CA VAL A 401 5.07 -15.62 -7.86
C VAL A 401 4.34 -16.35 -6.72
N TYR A 402 4.69 -15.97 -5.48
CA TYR A 402 3.99 -16.47 -4.29
C TYR A 402 2.49 -16.17 -4.35
N LYS A 403 2.14 -14.95 -4.74
CA LYS A 403 0.74 -14.55 -4.84
C LYS A 403 0.00 -15.36 -5.92
N ALA A 404 0.68 -15.64 -7.04
CA ALA A 404 0.11 -16.44 -8.13
C ALA A 404 -0.21 -17.86 -7.69
N TYR A 405 0.71 -18.47 -6.95
CA TYR A 405 0.51 -19.82 -6.43
C TYR A 405 -0.53 -19.87 -5.31
N ALA A 406 -0.49 -18.90 -4.40
CA ALA A 406 -1.44 -18.84 -3.29
C ALA A 406 -2.89 -18.70 -3.76
N HIS A 407 -3.08 -18.13 -4.95
CA HIS A 407 -4.43 -17.88 -5.48
C HIS A 407 -4.79 -18.71 -6.72
N MET A 408 -4.00 -19.74 -7.00
CA MET A 408 -4.33 -20.73 -8.03
C MET A 408 -4.49 -20.14 -9.45
N SER A 409 -3.67 -19.14 -9.77
CA SER A 409 -3.63 -18.60 -11.12
C SER A 409 -2.61 -19.38 -11.96
N MET A 410 -3.09 -20.38 -12.69
CA MET A 410 -2.23 -21.21 -13.52
C MET A 410 -1.40 -20.36 -14.47
N TYR A 411 -2.05 -19.37 -15.08
CA TYR A 411 -1.39 -18.53 -16.07
C TYR A 411 -0.35 -17.59 -15.45
N ASN A 412 -0.68 -16.96 -14.33
CA ASN A 412 0.23 -15.99 -13.75
C ASN A 412 1.36 -16.62 -12.92
N GLN A 413 1.26 -17.92 -12.67
CA GLN A 413 2.37 -18.67 -12.10
C GLN A 413 3.45 -18.87 -13.16
N THR A 414 3.04 -18.93 -14.42
CA THR A 414 3.88 -19.39 -15.52
C THR A 414 4.17 -18.30 -16.56
N TYR A 415 3.17 -17.91 -17.34
CA TYR A 415 3.35 -16.95 -18.43
C TYR A 415 3.18 -15.49 -18.02
N GLY A 416 2.23 -15.25 -17.11
CA GLY A 416 1.65 -13.93 -16.93
C GLY A 416 2.42 -12.94 -16.07
N ASN A 417 1.73 -11.86 -15.72
CA ASN A 417 2.27 -10.85 -14.82
C ASN A 417 2.66 -11.46 -13.47
N GLY A 418 3.91 -11.27 -13.07
CA GLY A 418 4.41 -11.72 -11.77
C GLY A 418 4.66 -13.21 -11.76
N SER A 419 5.15 -13.72 -12.88
CA SER A 419 5.28 -15.16 -13.12
C SER A 419 6.73 -15.61 -13.25
N ALA A 420 6.89 -16.92 -13.43
CA ALA A 420 8.20 -17.53 -13.66
C ALA A 420 8.82 -17.01 -14.94
N PHE A 421 8.03 -16.94 -16.01
CA PHE A 421 8.56 -16.51 -17.31
C PHE A 421 8.86 -15.01 -17.33
N GLU A 422 8.15 -14.21 -16.54
CA GLU A 422 8.50 -12.79 -16.40
C GLU A 422 9.81 -12.64 -15.61
N GLN A 423 10.03 -13.52 -14.63
CA GLN A 423 11.32 -13.54 -13.91
C GLN A 423 12.46 -13.84 -14.88
N ASP A 424 12.26 -14.84 -15.74
CA ASP A 424 13.24 -15.20 -16.77
C ASP A 424 13.64 -13.99 -17.58
N ARG A 425 12.63 -13.29 -18.09
CA ARG A 425 12.84 -12.15 -18.98
C ARG A 425 13.52 -11.00 -18.25
N LYS A 426 13.18 -10.83 -16.98
CA LYS A 426 13.83 -9.83 -16.14
C LYS A 426 15.30 -10.21 -15.91
N LEU A 427 15.55 -11.50 -15.71
CA LEU A 427 16.90 -11.98 -15.46
C LEU A 427 17.79 -11.74 -16.67
N VAL A 428 17.23 -11.92 -17.87
CA VAL A 428 17.93 -11.61 -19.11
C VAL A 428 18.24 -10.11 -19.20
N GLU A 429 17.27 -9.27 -18.82
CA GLU A 429 17.49 -7.82 -18.80
C GLU A 429 18.66 -7.44 -17.88
N ILE A 430 18.66 -8.01 -16.68
CA ILE A 430 19.67 -7.72 -15.66
C ILE A 430 21.07 -8.15 -16.12
N LYS A 431 21.17 -9.35 -16.71
CA LYS A 431 22.44 -9.84 -17.26
C LYS A 431 22.89 -8.99 -18.44
N THR A 432 21.91 -8.50 -19.21
CA THR A 432 22.17 -7.63 -20.35
C THR A 432 22.76 -6.30 -19.90
N GLU A 433 22.12 -5.69 -18.91
CA GLU A 433 22.62 -4.45 -18.33
C GLU A 433 24.02 -4.66 -17.72
N ALA A 434 24.22 -5.79 -17.06
CA ALA A 434 25.50 -6.11 -16.45
C ALA A 434 26.61 -6.26 -17.50
N ALA A 435 26.26 -6.85 -18.64
CA ALA A 435 27.22 -7.08 -19.73
C ALA A 435 27.60 -5.78 -20.44
N LYS A 436 26.62 -4.91 -20.63
CA LYS A 436 26.86 -3.58 -21.18
C LYS A 436 27.82 -2.81 -20.27
N LEU A 437 27.52 -2.79 -18.97
CA LEU A 437 28.35 -2.08 -18.00
C LEU A 437 29.78 -2.60 -17.99
N ARG A 438 29.94 -3.92 -18.07
CA ARG A 438 31.27 -4.54 -18.05
C ARG A 438 32.06 -4.27 -19.33
N ARG A 439 31.38 -4.28 -20.47
CA ARG A 439 32.06 -4.03 -21.75
C ARG A 439 32.51 -2.57 -21.88
N PHE A 440 31.71 -1.63 -21.36
CA PHE A 440 32.11 -0.22 -21.37
C PHE A 440 33.33 0.00 -20.46
N ALA A 441 33.31 -0.61 -19.28
CA ALA A 441 34.41 -0.47 -18.32
C ALA A 441 35.71 -1.10 -18.83
N ALA A 442 35.60 -2.26 -19.48
CA ALA A 442 36.77 -2.96 -20.04
C ALA A 442 37.40 -2.19 -21.21
N ILE A 443 36.56 -1.58 -22.04
CA ILE A 443 37.04 -0.72 -23.14
C ILE A 443 37.70 0.56 -22.59
N GLU A 444 36.99 1.25 -21.70
CA GLU A 444 37.51 2.49 -21.12
C GLU A 444 38.83 2.31 -20.37
N LYS A 445 38.99 1.16 -19.71
CA LYS A 445 40.24 0.83 -19.03
C LYS A 445 41.39 0.67 -20.04
N LYS A 446 41.15 -0.11 -21.09
CA LYS A 446 42.18 -0.43 -22.07
C LYS A 446 42.69 0.80 -22.84
N ILE A 447 41.81 1.73 -23.15
CA ILE A 447 42.19 2.93 -23.90
C ILE A 447 42.51 4.13 -22.99
N GLY A 448 42.36 3.94 -21.68
CA GLY A 448 42.69 4.98 -20.71
C GLY A 448 41.73 6.16 -20.71
N LEU A 449 40.47 5.90 -21.01
CA LEU A 449 39.42 6.94 -20.92
C LEU A 449 38.91 6.99 -19.48
N GLU A 450 38.99 8.16 -18.86
CA GLU A 450 38.50 8.35 -17.48
C GLU A 450 37.02 8.71 -17.50
N HIS A 451 36.16 7.73 -17.31
CA HIS A 451 34.71 7.94 -17.36
C HIS A 451 34.20 8.56 -16.08
N LYS A 452 33.44 9.65 -16.23
CA LYS A 452 32.72 10.25 -15.10
C LYS A 452 31.22 10.20 -15.40
N SER A 453 30.44 9.67 -14.46
CA SER A 453 29.00 9.50 -14.65
C SER A 453 28.32 10.85 -14.85
N ALA A 454 27.35 10.88 -15.77
CA ALA A 454 26.67 12.13 -16.15
C ALA A 454 26.05 12.86 -14.97
N ASP A 455 25.92 14.19 -15.08
N ASP A 455 25.92 14.19 -15.10
CA ASP A 455 25.35 15.01 -14.01
CA ASP A 455 25.37 15.04 -14.06
C ASP A 455 23.85 14.76 -13.82
C ASP A 455 23.86 14.80 -13.84
N PHE A 456 23.17 14.34 -14.88
CA PHE A 456 21.72 14.07 -14.80
C PHE A 456 21.35 12.91 -13.86
N TRP A 457 22.33 12.06 -13.52
CA TRP A 457 22.10 11.04 -12.49
C TRP A 457 21.99 11.65 -11.09
N LYS A 458 22.57 12.85 -10.92
CA LYS A 458 22.71 13.47 -9.61
C LYS A 458 21.79 14.66 -9.46
N HIS A 459 21.73 15.52 -10.47
CA HIS A 459 20.89 16.73 -10.41
C HIS A 459 19.84 16.76 -11.51
N GLY A 460 18.80 17.54 -11.23
CA GLY A 460 17.65 17.68 -12.13
C GLY A 460 16.50 18.29 -11.34
N GLU A 461 15.47 18.75 -12.04
CA GLU A 461 14.36 19.43 -11.39
C GLU A 461 13.65 18.56 -10.35
N TYR A 462 13.50 17.26 -10.63
CA TYR A 462 12.90 16.33 -9.67
C TYR A 462 13.92 15.89 -8.63
N LEU A 463 15.07 15.41 -9.09
CA LEU A 463 16.10 14.91 -8.17
C LEU A 463 16.50 15.92 -7.10
N ASP A 464 16.45 17.21 -7.44
CA ASP A 464 16.82 18.27 -6.49
C ASP A 464 15.80 18.46 -5.37
N LEU A 465 14.59 17.91 -5.54
CA LEU A 465 13.53 18.04 -4.52
C LEU A 465 13.62 16.97 -3.43
N LEU A 466 14.41 15.93 -3.65
CA LEU A 466 14.42 14.78 -2.75
C LEU A 466 14.97 15.15 -1.37
N PRO A 467 14.40 14.55 -0.30
CA PRO A 467 14.85 14.91 1.06
C PRO A 467 16.22 14.38 1.47
N GLY A 468 16.79 13.47 0.67
CA GLY A 468 18.15 12.98 0.90
C GLY A 468 19.17 14.10 1.01
N TRP A 469 18.95 15.18 0.27
CA TRP A 469 19.82 16.36 0.32
C TRP A 469 19.75 17.12 1.64
N LYS A 470 18.58 17.09 2.29
CA LYS A 470 18.34 17.88 3.51
C LYS A 470 18.73 17.13 4.78
N ARG A 471 18.97 15.82 4.68
CA ARG A 471 19.22 15.01 5.87
C ARG A 471 20.48 15.49 6.60
N LYS A 472 20.36 15.63 7.93
CA LYS A 472 21.49 16.02 8.78
C LYS A 472 21.45 15.27 10.12
N PRO A 473 22.56 15.32 10.88
CA PRO A 473 22.54 14.62 12.17
C PRO A 473 21.53 15.20 13.16
N GLY A 474 20.87 14.30 13.88
CA GLY A 474 19.87 14.69 14.87
C GLY A 474 18.51 15.06 14.30
N ASP A 475 18.20 14.61 13.08
CA ASP A 475 16.90 14.90 12.46
C ASP A 475 15.88 13.75 12.57
N VAL A 476 16.28 12.66 13.25
CA VAL A 476 15.40 11.53 13.50
C VAL A 476 14.83 11.57 14.92
N ASP A 477 13.51 11.42 15.02
CA ASP A 477 12.83 11.26 16.30
C ASP A 477 12.94 9.79 16.74
N VAL A 478 14.04 9.47 17.43
CA VAL A 478 14.31 8.08 17.82
C VAL A 478 13.39 7.61 18.93
N GLU A 479 12.81 8.54 19.70
CA GLU A 479 11.80 8.19 20.69
C GLU A 479 10.65 7.44 20.04
N TRP A 480 10.28 7.83 18.82
CA TRP A 480 9.27 7.10 18.04
C TRP A 480 9.67 5.63 17.90
N PHE A 481 10.89 5.39 17.46
CA PHE A 481 11.38 4.02 17.26
C PHE A 481 11.54 3.24 18.58
N LYS A 482 11.69 3.96 19.69
CA LYS A 482 11.77 3.34 21.00
C LYS A 482 10.42 2.77 21.45
N ARG A 483 9.33 3.34 20.93
CA ARG A 483 7.98 2.89 21.29
C ARG A 483 7.82 1.38 21.11
N THR A 484 7.19 0.74 22.09
CA THR A 484 6.94 -0.70 22.05
C THR A 484 5.47 -1.04 21.82
N ASP A 485 4.59 -0.03 21.84
CA ASP A 485 3.17 -0.27 21.60
C ASP A 485 2.85 -0.46 20.11
N ILE A 486 3.79 -0.08 19.25
CA ILE A 486 3.71 -0.35 17.82
C ILE A 486 5.01 -1.01 17.36
N PRO A 487 4.93 -1.89 16.34
CA PRO A 487 6.14 -2.44 15.74
C PRO A 487 6.83 -1.39 14.85
N HIS A 488 8.02 -1.71 14.36
CA HIS A 488 8.78 -0.77 13.55
C HIS A 488 9.46 -1.44 12.38
N ARG A 489 9.74 -0.65 11.35
CA ARG A 489 10.58 -1.09 10.24
C ARG A 489 12.04 -1.00 10.66
N ALA A 490 12.88 -1.84 10.07
CA ALA A 490 14.31 -1.87 10.38
C ALA A 490 15.07 -0.84 9.56
N ASN A 491 14.83 0.45 9.82
CA ASN A 491 15.49 1.52 9.09
C ASN A 491 16.92 1.73 9.57
N ALA A 492 17.81 2.08 8.64
CA ALA A 492 19.24 2.21 8.94
C ALA A 492 19.57 3.36 9.89
N ASP A 493 18.71 4.37 9.93
CA ASP A 493 18.94 5.53 10.79
C ASP A 493 18.00 5.58 12.00
N ALA A 494 17.45 4.42 12.36
CA ALA A 494 16.52 4.32 13.49
C ALA A 494 17.19 4.76 14.79
N GLY A 495 18.47 4.40 14.93
CA GLY A 495 19.26 4.83 16.08
C GLY A 495 19.08 3.99 17.34
N VAL A 496 18.15 3.05 17.31
CA VAL A 496 17.83 2.24 18.49
C VAL A 496 17.54 0.78 18.11
N GLU A 497 17.18 -0.03 19.10
CA GLU A 497 17.08 -1.48 18.92
C GLU A 497 15.96 -1.98 18.00
N ILE A 498 14.71 -1.71 18.42
CA ILE A 498 13.50 -2.18 17.71
C ILE A 498 13.17 -3.66 17.99
P PO4 B . -0.34 6.83 17.45
O1 PO4 B . 0.96 7.38 16.95
O2 PO4 B . -0.71 7.52 18.75
O3 PO4 B . -1.44 7.08 16.45
O4 PO4 B . -0.20 5.34 17.67
P PO4 C . 3.80 12.16 16.62
O1 PO4 C . 4.35 12.08 15.22
O2 PO4 C . 3.44 13.58 16.96
O3 PO4 C . 2.58 11.30 16.77
O4 PO4 C . 4.83 11.65 17.58
P PO4 D . 20.57 -1.07 -23.35
O1 PO4 D . 20.66 -0.96 -24.84
O2 PO4 D . 21.03 0.21 -22.69
O3 PO4 D . 19.16 -1.28 -22.97
O4 PO4 D . 21.39 -2.23 -22.85
C1 EDO E . -21.67 8.84 0.21
O1 EDO E . -22.42 8.11 1.18
C2 EDO E . -20.19 8.92 0.60
O2 EDO E . -19.95 9.85 1.66
C1 EDO F . 8.18 -28.38 0.09
O1 EDO F . 6.78 -28.14 0.35
C2 EDO F . 8.67 -27.59 -1.13
O2 EDO F . 9.87 -28.14 -1.69
C1 EDO G . -0.75 4.22 -18.73
O1 EDO G . -1.82 3.48 -18.12
C2 EDO G . 0.60 3.55 -18.47
O2 EDO G . 1.06 2.92 -19.65
FE HEC H . -24.23 19.61 7.31
CHA HEC H . -21.46 19.77 5.32
CHB HEC H . -22.75 17.10 9.15
CHC HEC H . -26.94 19.52 9.41
CHD HEC H . -25.77 22.07 5.47
NA HEC H . -22.48 18.55 7.18
C1A HEC H . -21.42 18.90 6.39
C2A HEC H . -20.33 17.99 6.68
C3A HEC H . -20.68 17.23 7.72
C4A HEC H . -22.05 17.57 8.06
CMA HEC H . -19.86 16.05 8.30
CAA HEC H . -18.93 18.10 6.08
CBA HEC H . -18.20 19.20 6.86
CGA HEC H . -16.87 19.53 6.25
O1A HEC H . -16.75 19.49 5.00
O2A HEC H . -15.95 19.95 7.00
NB HEC H . -24.73 18.54 8.97
C1B HEC H . -24.02 17.48 9.51
C2B HEC H . -24.72 17.05 10.70
C3B HEC H . -25.86 17.74 10.79
C4B HEC H . -25.92 18.62 9.65
CMB HEC H . -24.24 15.95 11.68
CAB HEC H . -26.83 17.76 11.96
CBB HEC H . -26.37 17.89 13.22
NC HEC H . -25.99 20.65 7.45
C1C HEC H . -27.00 20.42 8.37
C2C HEC H . -28.06 21.37 8.13
C3C HEC H . -27.77 22.03 7.00
C4C HEC H . -26.44 21.61 6.58
CMC HEC H . -29.36 21.44 8.94
CAC HEC H . -28.69 22.98 6.21
CBC HEC H . -29.56 23.80 6.84
ND HEC H . -23.71 20.72 5.64
C1D HEC H . -24.50 21.71 5.08
C2D HEC H . -23.84 22.24 3.91
C3D HEC H . -22.46 21.60 3.91
C4D HEC H . -22.46 20.69 5.05
CMD HEC H . -24.32 23.41 3.02
CAD HEC H . -21.30 21.89 2.95
CBD HEC H . -20.85 23.35 3.06
CGD HEC H . -20.47 23.68 4.49
O1D HEC H . -20.99 24.70 5.02
O2D HEC H . -19.62 22.95 5.07
FE HEC I . -20.97 10.53 7.81
CHA HEC I . -17.78 11.12 6.67
CHB HEC I . -22.11 13.30 6.18
CHC HEC I . -24.15 9.95 8.99
CHD HEC I . -19.83 7.95 9.76
NA HEC I . -20.14 11.88 6.58
C1A HEC I . -18.79 11.96 6.25
C2A HEC I . -18.64 13.07 5.33
C3A HEC I . -19.81 13.69 5.24
C4A HEC I . -20.77 12.99 6.05
CMA HEC I . -20.12 14.97 4.43
CAA HEC I . -17.31 13.52 4.69
CBA HEC I . -16.87 12.52 3.61
CGA HEC I . -17.73 12.62 2.37
O1A HEC I . -17.92 11.57 1.69
O2A HEC I . -17.96 13.76 1.91
NB HEC I . -22.80 11.46 7.60
C1B HEC I . -23.03 12.65 6.97
C2B HEC I . -24.46 12.92 7.02
C3B HEC I . -25.03 11.93 7.69
C4B HEC I . -23.98 11.05 8.18
CMB HEC I . -25.21 14.10 6.37
CAB HEC I . -26.54 11.76 7.96
CBB HEC I . -27.37 11.63 6.93
NC HEC I . -21.82 9.19 9.11
C1C HEC I . -23.15 9.14 9.46
C2C HEC I . -23.33 8.07 10.42
C3C HEC I . -22.13 7.55 10.69
C4C HEC I . -21.15 8.30 9.91
CMC HEC I . -24.68 7.64 11.04
CAC HEC I . -21.82 6.60 11.86
CBC HEC I . -22.45 5.42 11.98
ND HEC I . -19.11 9.58 8.07
C1D HEC I . -18.89 8.55 8.97
C2D HEC I . -17.50 8.17 8.92
C3D HEC I . -16.84 9.22 8.01
C4D HEC I . -17.93 10.02 7.49
CMD HEC I . -16.79 7.05 9.70
CAD HEC I . -15.34 9.33 7.67
CBD HEC I . -15.01 8.62 6.35
CGD HEC I . -15.04 7.13 6.51
O1D HEC I . -15.37 6.44 5.50
O2D HEC I . -14.57 6.61 7.54
FE HEC J . -22.96 0.46 13.39
CHA HEC J . -25.05 -2.09 12.33
CHB HEC J . -20.78 -0.31 10.90
CHC HEC J . -20.82 2.96 14.45
CHD HEC J . -25.04 1.18 15.99
NA HEC J . -22.92 -0.96 11.91
C1A HEC J . -23.88 -1.90 11.62
C2A HEC J . -23.38 -2.74 10.54
C3A HEC J . -22.23 -2.21 10.13
C4A HEC J . -21.91 -1.09 10.99
CMA HEC J . -21.35 -2.75 8.98
CAA HEC J . -24.14 -3.90 9.87
CBA HEC J . -25.14 -3.29 8.90
CGA HEC J . -25.92 -4.32 8.14
O1A HEC J . -26.80 -3.90 7.33
O2A HEC J . -25.81 -5.54 8.43
NB HEC J . -21.18 1.22 12.77
C1B HEC J . -20.40 0.67 11.77
C2B HEC J . -19.26 1.55 11.58
C3B HEC J . -19.25 2.45 12.57
C4B HEC J . -20.48 2.27 13.32
CMB HEC J . -18.14 1.35 10.53
CAB HEC J . -18.23 3.59 12.77
CBB HEC J . -18.06 4.47 11.77
NC HEC J . -22.94 1.84 14.90
C1C HEC J . -21.99 2.79 15.16
C2C HEC J . -22.32 3.46 16.40
C3C HEC J . -23.48 2.96 16.84
C4C HEC J . -23.86 1.88 15.93
CMC HEC J . -21.51 4.59 17.07
CAC HEC J . -24.05 3.16 18.27
CBC HEC J . -24.39 4.40 18.69
ND HEC J . -24.76 -0.31 14.04
C1D HEC J . -25.46 0.19 15.13
C2D HEC J . -26.72 -0.50 15.24
C3D HEC J . -26.66 -1.59 14.17
C4D HEC J . -25.49 -1.31 13.39
CMD HEC J . -27.76 -0.38 16.38
CAD HEC J . -27.82 -2.54 13.80
CBD HEC J . -27.70 -3.82 14.61
CGD HEC J . -28.85 -4.72 14.22
O1D HEC J . -28.97 -5.02 13.00
O2D HEC J . -29.66 -5.09 15.11
FE HEC K . 1.52 -0.25 0.22
CHA HEC K . 2.28 -3.31 1.50
CHB HEC K . 3.85 1.19 2.02
CHC HEC K . 1.56 2.20 -2.09
CHD HEC K . -1.59 -1.18 -0.64
NA HEC K . 2.94 -0.98 1.39
C1A HEC K . 3.16 -2.28 1.76
C2A HEC K . 4.33 -2.30 2.63
C3A HEC K . 4.62 -1.03 2.94
C4A HEC K . 3.86 -0.18 2.05
CMA HEC K . 5.84 -0.55 3.77
CAA HEC K . 5.13 -3.54 3.07
CBA HEC K . 6.45 -3.59 2.31
CGA HEC K . 7.31 -4.69 2.87
O1A HEC K . 7.16 -5.84 2.37
O2A HEC K . 7.81 -4.52 4.02
NB HEC K . 2.49 1.40 -0.01
C1B HEC K . 3.25 1.92 1.01
C2B HEC K . 3.59 3.25 0.62
C3B HEC K . 3.28 3.40 -0.68
C4B HEC K . 2.59 2.19 -1.14
CMB HEC K . 4.02 4.34 1.63
CAB HEC K . 3.60 4.60 -1.58
CBB HEC K . 4.70 5.49 -0.97
NC HEC K . 0.16 0.49 -1.02
C1C HEC K . 0.37 1.48 -1.95
C2C HEC K . -0.97 1.90 -2.36
C3C HEC K . -1.87 1.01 -1.91
C4C HEC K . -1.13 0.03 -1.15
CMC HEC K . -1.30 3.29 -2.99
CAC HEC K . -3.40 1.18 -1.87
CBC HEC K . -3.99 1.63 -3.24
ND HEC K . 0.52 -1.99 0.36
C1D HEC K . -0.81 -2.12 0.00
C2D HEC K . -1.20 -3.49 0.24
C3D HEC K . 0.07 -4.22 0.67
C4D HEC K . 1.05 -3.17 0.86
CMD HEC K . -2.59 -4.12 0.04
CAD HEC K . 0.10 -5.60 1.35
CBD HEC K . 0.60 -6.67 0.40
CGD HEC K . 0.85 -7.93 1.18
O1D HEC K . 1.26 -7.82 2.37
O2D HEC K . 1.00 -8.99 0.52
FE HEC L . -16.65 -5.05 9.10
CHA HEC L . -19.32 -7.21 8.94
CHB HEC L . -18.03 -3.57 11.82
CHC HEC L . -13.94 -2.97 9.31
CHD HEC L . -15.26 -6.48 6.34
NA HEC L . -18.37 -5.32 10.16
C1A HEC L . -19.35 -6.26 9.92
C2A HEC L . -20.40 -6.07 10.92
C3A HEC L . -20.06 -5.02 11.67
C4A HEC L . -18.80 -4.51 11.18
CMA HEC L . -20.85 -4.45 12.87
CAA HEC L . -21.67 -6.93 11.06
CBA HEC L . -21.43 -7.91 12.20
CGA HEC L . -22.62 -8.81 12.45
O1A HEC L . -23.42 -9.07 11.52
O2A HEC L . -22.73 -9.27 13.60
NB HEC L . -16.09 -3.59 10.32
C1B HEC L . -16.85 -3.07 11.35
C2B HEC L . -16.10 -2.01 11.99
C3B HEC L . -14.90 -1.97 11.37
C4B HEC L . -14.94 -2.86 10.24
CMB HEC L . -16.53 -1.30 13.29
CAB HEC L . -13.74 -1.02 11.60
CBB HEC L . -13.50 -0.50 12.80
NC HEC L . -14.93 -4.76 8.02
C1C HEC L . -13.90 -3.90 8.32
C2C HEC L . -12.93 -3.94 7.26
C3C HEC L . -13.27 -4.95 6.45
C4C HEC L . -14.54 -5.48 6.92
CMC HEC L . -11.61 -3.12 7.22
CAC HEC L . -12.43 -5.48 5.27
CBC HEC L . -11.14 -5.80 5.48
ND HEC L . -17.21 -6.59 7.85
C1D HEC L . -16.40 -7.05 6.81
C2D HEC L . -17.05 -8.18 6.18
C3D HEC L . -18.36 -8.36 6.93
C4D HEC L . -18.33 -7.39 8.01
CMD HEC L . -16.52 -8.98 4.96
CAD HEC L . -19.24 -9.63 6.87
CBD HEC L . -18.57 -10.70 7.73
CGD HEC L . -19.38 -11.98 7.80
O1D HEC L . -19.99 -12.40 6.77
O2D HEC L . -19.28 -12.69 8.84
FE HEC M . -6.03 -5.51 3.15
CHA HEC M . -2.91 -6.08 4.46
CHB HEC M . -6.79 -8.82 3.51
CHC HEC M . -9.18 -4.90 1.95
CHD HEC M . -5.21 -2.23 2.52
NA HEC M . -5.05 -7.14 3.90
C1A HEC M . -3.76 -7.17 4.42
C2A HEC M . -3.42 -8.54 4.70
C3A HEC M . -4.48 -9.30 4.43
C4A HEC M . -5.54 -8.44 3.93
CMA HEC M . -4.62 -10.83 4.67
CAA HEC M . -2.09 -9.03 5.36
CBA HEC M . -0.94 -8.93 4.37
CGA HEC M . 0.34 -9.54 4.92
O1A HEC M . 1.36 -9.55 4.19
O2A HEC M . 0.34 -10.06 6.05
NB HEC M . -7.68 -6.62 2.86
C1B HEC M . -7.77 -7.99 3.03
C2B HEC M . -9.07 -8.42 2.54
C3B HEC M . -9.74 -7.34 2.12
C4B HEC M . -8.87 -6.20 2.30
CMB HEC M . -9.60 -9.87 2.60
CAB HEC M . -11.21 -7.26 1.63
CBB HEC M . -12.16 -7.97 2.25
NC HEC M . -7.01 -3.87 2.40
C1C HEC M . -8.35 -3.81 2.05
C2C HEC M . -8.64 -2.46 1.61
C3C HEC M . -7.52 -1.75 1.67
C4C HEC M . -6.49 -2.61 2.23
CMC HEC M . -10.01 -1.96 1.11
CAC HEC M . -7.32 -0.30 1.18
CBC HEC M . -8.11 0.66 1.68
ND HEC M . -4.32 -4.37 3.38
C1D HEC M . -4.20 -3.04 2.97
C2D HEC M . -2.95 -2.52 3.43
C3D HEC M . -2.21 -3.71 4.04
C4D HEC M . -3.15 -4.81 3.99
CMD HEC M . -2.48 -1.06 3.37
CAD HEC M . -0.97 -3.61 4.94
CBD HEC M . 0.27 -3.30 4.13
CGD HEC M . 1.39 -3.01 5.08
O1D HEC M . 1.25 -2.11 5.96
O2D HEC M . 2.46 -3.64 4.92
FE HEC N . -5.52 -14.66 -0.54
CHA HEC N . -2.40 -15.11 0.82
CHB HEC N . -5.03 -11.30 -0.60
CHC HEC N . -8.54 -14.28 -2.07
CHD HEC N . -6.18 -18.03 -0.18
NA HEC N . -4.01 -13.43 0.00
C1A HEC N . -2.80 -13.82 0.52
C2A HEC N . -2.07 -12.63 0.89
C3A HEC N . -2.81 -11.57 0.56
C4A HEC N . -4.06 -12.07 0.00
CMA HEC N . -2.41 -10.09 0.69
CAA HEC N . -0.70 -12.60 1.60
CBA HEC N . -0.91 -13.07 3.04
CGA HEC N . 0.40 -13.45 3.72
O1A HEC N . 1.48 -13.46 3.06
O2A HEC N . 0.33 -13.83 4.91
NB HEC N . -6.58 -13.11 -1.21
C1B HEC N . -6.21 -11.78 -1.11
C2B HEC N . -7.23 -10.99 -1.74
C3B HEC N . -8.15 -11.83 -2.23
C4B HEC N . -7.75 -13.17 -1.92
CMB HEC N . -7.28 -9.45 -1.79
CAB HEC N . -9.27 -11.47 -3.20
CBB HEC N . -8.94 -10.90 -4.38
NC HEC N . -7.05 -15.93 -1.07
C1C HEC N . -8.23 -15.55 -1.67
C2C HEC N . -9.09 -16.71 -1.75
C3C HEC N . -8.50 -17.71 -1.13
C4C HEC N . -7.20 -17.24 -0.66
CMC HEC N . -10.51 -16.78 -2.41
CAC HEC N . -9.21 -19.01 -0.69
CBC HEC N . -9.68 -19.86 -1.62
ND HEC N . -4.43 -16.31 0.12
C1D HEC N . -4.95 -17.60 0.26
C2D HEC N . -3.92 -18.48 0.76
C3D HEC N . -2.69 -17.59 0.93
C4D HEC N . -3.12 -16.25 0.57
CMD HEC N . -4.02 -19.99 1.00
CAD HEC N . -1.34 -18.01 1.52
CBD HEC N . -1.43 -18.06 3.05
CGD HEC N . -0.35 -18.94 3.59
O1D HEC N . 0.16 -18.61 4.69
O2D HEC N . -0.15 -20.06 3.05
FE HEC O . -11.28 -24.18 -4.93
CHA HEC O . -11.68 -25.00 -8.22
CHB HEC O . -7.89 -24.77 -5.22
CHC HEC O . -10.81 -23.39 -1.61
CHD HEC O . -14.66 -23.79 -4.53
NA HEC O . -10.02 -24.73 -6.44
C1A HEC O . -10.40 -24.98 -7.74
C2A HEC O . -9.22 -25.34 -8.50
C3A HEC O . -8.16 -25.24 -7.69
C4A HEC O . -8.66 -24.97 -6.35
CMA HEC O . -6.68 -25.47 -8.06
CAA HEC O . -9.22 -25.45 -10.04
CBA HEC O . -9.80 -26.78 -10.51
CGA HEC O . -8.75 -27.86 -10.45
O1A HEC O . -7.56 -27.60 -10.74
O2A HEC O . -9.13 -29.02 -10.17
NB HEC O . -9.66 -24.09 -3.66
C1B HEC O . -8.35 -24.41 -3.98
C2B HEC O . -7.56 -24.28 -2.78
C3B HEC O . -8.34 -23.77 -1.82
C4B HEC O . -9.69 -23.72 -2.34
CMB HEC O . -6.06 -24.62 -2.66
CAB HEC O . -7.90 -23.34 -0.40
CBB HEC O . -6.86 -22.51 -0.26
NC HEC O . -12.50 -23.63 -3.38
C1C HEC O . -12.10 -23.34 -2.10
C2C HEC O . -13.26 -22.96 -1.33
C3C HEC O . -14.34 -23.07 -2.12
C4C HEC O . -13.87 -23.48 -3.45
CMC HEC O . -13.26 -22.64 0.17
CAC HEC O . -15.81 -23.02 -1.65
CBC HEC O . -16.30 -21.92 -1.08
ND HEC O . -12.89 -24.32 -6.18
C1D HEC O . -14.22 -24.21 -5.77
C2D HEC O . -15.08 -24.44 -6.91
C3D HEC O . -14.14 -24.77 -8.06
C4D HEC O . -12.83 -24.72 -7.51
CMD HEC O . -16.61 -24.26 -6.97
CAD HEC O . -14.55 -25.13 -9.51
CBD HEC O . -14.25 -26.60 -9.79
CGD HEC O . -13.79 -26.79 -11.22
O1D HEC O . -12.82 -26.10 -11.63
O2D HEC O . -14.38 -27.65 -11.92
N HOA P . 2.68 -1.15 -1.03
O HOA P . 2.02 -1.11 -2.31
#